data_5CVR
#
_entry.id   5CVR
#
_cell.length_a   75.270
_cell.length_b   75.270
_cell.length_c   212.430
_cell.angle_alpha   90.000
_cell.angle_beta   90.000
_cell.angle_gamma   90.000
#
_symmetry.space_group_name_H-M   'I 4 2 2'
#
loop_
_entity.id
_entity.type
_entity.pdbx_description
1 polymer 'FNR type regulator'
2 non-polymer 'FE2/S2 (INORGANIC) CLUSTER'
3 non-polymer (4S)-2-METHYL-2,4-PENTANEDIOL
4 water water
#
_entity_poly.entity_id   1
_entity_poly.type   'polypeptide(L)'
_entity_poly.pdbx_seq_one_letter_code
;MWSHPQFEKASSDNSANKRIQSGGCAIHCQDCSISQLCIPFTLNDSELDQLDEIIERKKPIQKGQELFKAGDELKCLYAI
RSGTIKSYTITEQGDEQITAFHLAGDLVGFDAITEAQHPSFAQALETSMVCEIPYEILDDLSGKMPKLRQQIMRLMSNEI
KGDQEMILLLSKKNAEERLAAFLYNLSTRFHQRGFSPREFRLTMTRGDIGNYLGLTVETISRLLGRFQKTEMLTVKGKYI
TINDHDALAELAGSAKEIK
;
_entity_poly.pdbx_strand_id   A
#
# COMPACT_ATOMS: atom_id res chain seq x y z
N ASP A 52 -27.82 -7.03 13.82
CA ASP A 52 -29.18 -7.17 13.30
C ASP A 52 -29.22 -7.34 11.79
N GLU A 53 -28.42 -6.55 11.07
CA GLU A 53 -28.38 -6.65 9.61
C GLU A 53 -27.05 -6.18 9.05
N ILE A 54 -26.15 -7.13 8.79
CA ILE A 54 -24.86 -6.81 8.19
C ILE A 54 -24.98 -6.80 6.67
N ILE A 55 -24.27 -5.88 6.04
CA ILE A 55 -24.31 -5.77 4.59
C ILE A 55 -22.89 -5.68 4.04
N GLU A 56 -22.63 -6.45 2.99
CA GLU A 56 -21.33 -6.40 2.32
C GLU A 56 -21.47 -5.93 0.89
N ARG A 57 -22.22 -4.84 0.72
CA ARG A 57 -22.36 -4.19 -0.58
C ARG A 57 -20.99 -3.82 -1.14
N LYS A 58 -20.64 -4.36 -2.30
CA LYS A 58 -19.35 -4.06 -2.94
C LYS A 58 -19.53 -3.08 -4.10
N LYS A 59 -18.47 -2.34 -4.42
CA LYS A 59 -18.54 -1.24 -5.40
C LYS A 59 -17.45 -1.35 -6.46
N PRO A 60 -17.80 -1.10 -7.74
CA PRO A 60 -16.90 -1.24 -8.89
C PRO A 60 -16.09 0.00 -9.23
N ILE A 61 -14.90 0.11 -8.66
CA ILE A 61 -14.04 1.27 -8.88
C ILE A 61 -13.05 1.01 -10.01
N GLN A 62 -13.22 1.73 -11.10
CA GLN A 62 -12.34 1.61 -12.26
C GLN A 62 -10.97 2.18 -11.97
N LYS A 63 -9.98 1.74 -12.73
CA LYS A 63 -8.66 2.36 -12.73
C LYS A 63 -8.73 3.87 -12.99
N GLY A 64 -8.02 4.64 -12.19
CA GLY A 64 -7.84 6.05 -12.48
C GLY A 64 -8.72 6.98 -11.66
N GLN A 65 -9.71 6.43 -10.98
CA GLN A 65 -10.66 7.29 -10.29
C GLN A 65 -10.47 7.35 -8.77
N GLU A 66 -10.86 8.48 -8.20
CA GLU A 66 -10.57 8.75 -6.81
C GLU A 66 -11.66 8.26 -5.87
N LEU A 67 -11.26 7.65 -4.75
CA LEU A 67 -12.18 7.32 -3.67
C LEU A 67 -12.67 8.59 -2.99
N PHE A 68 -11.81 9.60 -2.98
CA PHE A 68 -12.07 10.89 -2.33
C PHE A 68 -10.97 11.91 -2.64
N LYS A 69 -11.08 13.12 -2.10
CA LYS A 69 -10.07 14.14 -2.33
C LYS A 69 -9.55 14.75 -1.02
N ALA A 70 -8.42 15.44 -1.10
CA ALA A 70 -7.86 16.07 0.09
C ALA A 70 -8.69 17.28 0.48
N GLY A 71 -9.48 17.13 1.53
CA GLY A 71 -10.36 18.16 2.00
C GLY A 71 -11.74 17.58 2.19
N ASP A 72 -12.02 16.50 1.46
CA ASP A 72 -13.31 15.80 1.57
C ASP A 72 -13.63 15.44 3.02
N GLU A 73 -14.90 15.57 3.38
CA GLU A 73 -15.36 15.20 4.71
C GLU A 73 -15.43 13.68 4.86
N LEU A 74 -14.93 13.17 5.97
CA LEU A 74 -15.03 11.75 6.24
C LEU A 74 -16.49 11.30 6.35
N LYS A 75 -17.05 10.90 5.22
CA LYS A 75 -18.28 10.14 5.24
C LYS A 75 -17.92 8.68 5.49
N CYS A 76 -17.21 8.09 4.54
CA CYS A 76 -16.93 6.66 4.59
C CYS A 76 -15.46 6.29 4.65
N LEU A 77 -15.20 5.20 5.37
CA LEU A 77 -13.96 4.46 5.22
C LEU A 77 -14.19 3.44 4.12
N TYR A 78 -13.11 3.02 3.46
CA TYR A 78 -13.22 2.15 2.31
C TYR A 78 -12.36 0.91 2.49
N ALA A 79 -12.98 -0.27 2.40
CA ALA A 79 -12.28 -1.54 2.58
C ALA A 79 -11.99 -2.22 1.25
N ILE A 80 -10.71 -2.49 0.97
CA ILE A 80 -10.34 -3.08 -0.30
C ILE A 80 -10.68 -4.57 -0.34
N ARG A 81 -11.78 -4.91 -0.99
CA ARG A 81 -12.14 -6.31 -1.18
C ARG A 81 -11.26 -6.93 -2.29
N SER A 82 -10.83 -6.10 -3.23
CA SER A 82 -10.01 -6.57 -4.36
C SER A 82 -9.36 -5.41 -5.08
N GLY A 83 -8.14 -5.60 -5.57
CA GLY A 83 -7.48 -4.55 -6.33
C GLY A 83 -6.44 -3.74 -5.56
N THR A 84 -6.32 -2.47 -5.93
CA THR A 84 -5.19 -1.64 -5.48
C THR A 84 -5.50 -0.16 -5.44
N ILE A 85 -5.19 0.47 -4.31
CA ILE A 85 -5.39 1.89 -4.14
C ILE A 85 -4.09 2.55 -3.78
N LYS A 86 -3.86 3.76 -4.29
CA LYS A 86 -2.75 4.56 -3.81
C LYS A 86 -3.27 5.77 -3.08
N SER A 87 -2.57 6.14 -2.01
CA SER A 87 -2.85 7.38 -1.31
C SER A 87 -1.75 8.36 -1.59
N TYR A 88 -2.10 9.56 -1.99
CA TYR A 88 -1.10 10.56 -2.28
C TYR A 88 -1.53 11.91 -1.78
N THR A 89 -0.63 12.88 -1.91
CA THR A 89 -0.95 14.25 -1.63
C THR A 89 -0.33 15.10 -2.72
N ILE A 90 -0.88 16.30 -2.91
CA ILE A 90 -0.33 17.25 -3.88
C ILE A 90 0.35 18.38 -3.16
N THR A 91 1.58 18.70 -3.55
CA THR A 91 2.32 19.74 -2.82
C THR A 91 1.89 21.12 -3.31
N GLU A 92 2.27 22.14 -2.55
CA GLU A 92 1.95 23.52 -2.89
C GLU A 92 2.41 23.78 -4.32
N GLN A 93 3.61 23.28 -4.60
CA GLN A 93 4.24 23.43 -5.91
C GLN A 93 3.48 22.59 -6.94
N GLY A 94 2.59 21.72 -6.47
CA GLY A 94 1.71 20.98 -7.36
C GLY A 94 2.09 19.55 -7.74
N ASP A 95 3.18 19.03 -7.17
CA ASP A 95 3.64 17.68 -7.50
C ASP A 95 2.93 16.59 -6.71
N GLU A 96 2.91 15.38 -7.26
CA GLU A 96 2.33 14.24 -6.58
C GLU A 96 3.37 13.56 -5.70
N GLN A 97 2.97 13.22 -4.49
CA GLN A 97 3.82 12.45 -3.61
C GLN A 97 2.96 11.40 -2.95
N ILE A 98 3.31 10.16 -3.21
CA ILE A 98 2.52 9.03 -2.75
C ILE A 98 2.95 8.72 -1.34
N THR A 99 1.99 8.50 -0.45
CA THR A 99 2.36 8.24 0.93
C THR A 99 2.14 6.77 1.31
N ALA A 100 1.34 6.07 0.51
CA ALA A 100 1.10 4.66 0.77
C ALA A 100 0.39 3.96 -0.39
N PHE A 101 0.46 2.63 -0.39
CA PHE A 101 -0.26 1.81 -1.35
C PHE A 101 -1.19 0.87 -0.59
N HIS A 102 -2.42 0.71 -1.04
CA HIS A 102 -3.35 -0.15 -0.34
C HIS A 102 -3.70 -1.38 -1.17
N LEU A 103 -3.77 -2.52 -0.49
CA LEU A 103 -4.06 -3.78 -1.14
C LEU A 103 -5.34 -4.36 -0.60
N ALA A 104 -5.72 -5.49 -1.18
CA ALA A 104 -6.84 -6.27 -0.67
C ALA A 104 -6.66 -6.46 0.83
N GLY A 105 -7.73 -6.26 1.58
CA GLY A 105 -7.69 -6.40 3.01
C GLY A 105 -7.50 -5.08 3.73
N ASP A 106 -6.80 -4.16 3.08
CA ASP A 106 -6.46 -2.88 3.73
C ASP A 106 -7.67 -1.94 3.76
N LEU A 107 -7.77 -1.18 4.84
CA LEU A 107 -8.78 -0.15 5.03
C LEU A 107 -8.20 1.24 4.73
N VAL A 108 -9.00 2.14 4.18
CA VAL A 108 -8.51 3.41 3.65
C VAL A 108 -9.25 4.63 4.19
N GLY A 109 -8.53 5.50 4.90
CA GLY A 109 -9.15 6.71 5.43
C GLY A 109 -8.83 6.93 6.89
N PHE A 110 -8.10 5.99 7.47
CA PHE A 110 -7.63 6.09 8.85
C PHE A 110 -6.99 7.41 9.15
N ASP A 111 -6.40 8.02 8.14
CA ASP A 111 -5.71 9.28 8.35
C ASP A 111 -6.70 10.44 8.38
N ALA A 112 -7.99 10.13 8.32
CA ALA A 112 -9.02 11.15 8.17
C ALA A 112 -9.94 11.23 9.39
N ILE A 113 -9.84 10.23 10.26
CA ILE A 113 -10.69 10.14 11.44
C ILE A 113 -10.56 11.36 12.36
N THR A 114 -9.32 11.70 12.70
CA THR A 114 -9.04 12.73 13.71
C THR A 114 -9.83 14.00 13.52
N GLU A 115 -10.03 14.38 12.26
CA GLU A 115 -10.67 15.66 11.97
C GLU A 115 -11.84 15.49 11.05
N ALA A 116 -12.38 14.28 11.02
CA ALA A 116 -13.49 13.93 10.12
C ALA A 116 -13.26 14.40 8.69
N GLN A 117 -12.00 14.63 8.33
CA GLN A 117 -11.64 15.19 7.04
C GLN A 117 -10.47 14.43 6.41
N HIS A 118 -10.62 14.08 5.14
CA HIS A 118 -9.56 13.41 4.39
C HIS A 118 -8.39 14.36 4.09
N PRO A 119 -7.21 14.08 4.68
CA PRO A 119 -6.04 14.92 4.41
C PRO A 119 -5.32 14.54 3.13
N SER A 120 -5.84 13.52 2.44
CA SER A 120 -5.13 12.89 1.34
C SER A 120 -6.07 12.39 0.26
N PHE A 121 -5.52 12.17 -0.94
CA PHE A 121 -6.28 11.59 -2.04
C PHE A 121 -6.13 10.07 -2.03
N ALA A 122 -7.13 9.38 -2.55
CA ALA A 122 -7.00 7.97 -2.89
C ALA A 122 -7.40 7.81 -4.35
N GLN A 123 -6.95 6.73 -4.96
CA GLN A 123 -7.17 6.53 -6.38
C GLN A 123 -6.92 5.06 -6.69
N ALA A 124 -7.76 4.49 -7.55
CA ALA A 124 -7.55 3.12 -7.98
C ALA A 124 -6.42 3.08 -9.00
N LEU A 125 -5.54 2.09 -8.85
CA LEU A 125 -4.43 1.92 -9.77
C LEU A 125 -4.80 0.85 -10.79
N GLU A 126 -5.97 0.27 -10.59
CA GLU A 126 -6.49 -0.78 -11.43
C GLU A 126 -7.97 -0.92 -11.07
N THR A 127 -8.70 -1.79 -11.73
CA THR A 127 -10.09 -2.00 -11.35
C THR A 127 -10.16 -2.71 -10.01
N SER A 128 -10.95 -2.13 -9.10
CA SER A 128 -10.95 -2.54 -7.71
C SER A 128 -12.35 -2.62 -7.11
N MET A 129 -12.52 -3.53 -6.14
CA MET A 129 -13.79 -3.69 -5.44
C MET A 129 -13.68 -3.26 -3.99
N VAL A 130 -14.61 -2.40 -3.56
CA VAL A 130 -14.54 -1.75 -2.25
C VAL A 130 -15.83 -1.93 -1.44
N CYS A 131 -15.71 -2.02 -0.12
CA CYS A 131 -16.86 -1.92 0.78
C CYS A 131 -16.78 -0.61 1.58
N GLU A 132 -17.66 0.34 1.30
CA GLU A 132 -17.59 1.65 1.95
C GLU A 132 -18.45 1.74 3.22
N ILE A 133 -17.80 2.08 4.33
CA ILE A 133 -18.43 2.09 5.64
C ILE A 133 -18.53 3.49 6.24
N PRO A 134 -19.75 3.92 6.59
CA PRO A 134 -19.88 5.19 7.31
C PRO A 134 -19.15 5.05 8.63
N TYR A 135 -18.23 5.96 8.94
CA TYR A 135 -17.42 5.80 10.13
C TYR A 135 -18.25 5.55 11.38
N GLU A 136 -19.31 6.34 11.54
CA GLU A 136 -20.24 6.20 12.64
C GLU A 136 -20.65 4.75 12.87
N ILE A 137 -21.11 4.12 11.79
CA ILE A 137 -21.51 2.71 11.85
C ILE A 137 -20.36 1.85 12.33
N LEU A 138 -19.18 2.10 11.77
CA LEU A 138 -18.00 1.32 12.10
C LEU A 138 -17.76 1.36 13.60
N ASP A 139 -17.56 2.57 14.13
CA ASP A 139 -17.32 2.75 15.54
C ASP A 139 -18.46 2.21 16.38
N ASP A 140 -19.68 2.35 15.87
CA ASP A 140 -20.86 1.81 16.53
C ASP A 140 -20.74 0.29 16.67
N LEU A 141 -20.39 -0.36 15.56
CA LEU A 141 -20.31 -1.82 15.53
C LEU A 141 -19.09 -2.35 16.28
N SER A 142 -18.00 -1.58 16.23
CA SER A 142 -16.78 -2.00 16.91
C SER A 142 -16.84 -1.73 18.40
N GLY A 143 -17.86 -0.96 18.81
CA GLY A 143 -18.11 -0.74 20.22
C GLY A 143 -18.87 -1.92 20.77
N LYS A 144 -19.66 -2.53 19.91
CA LYS A 144 -20.41 -3.74 20.26
C LYS A 144 -19.53 -4.97 20.17
N MET A 145 -18.66 -4.99 19.16
CA MET A 145 -17.90 -6.19 18.83
C MET A 145 -16.42 -6.07 19.15
N PRO A 146 -15.97 -6.78 20.19
CA PRO A 146 -14.60 -6.73 20.71
C PRO A 146 -13.55 -7.15 19.69
N LYS A 147 -13.65 -8.39 19.20
CA LYS A 147 -12.65 -8.90 18.28
C LYS A 147 -12.67 -8.17 16.94
N LEU A 148 -13.65 -7.30 16.74
CA LEU A 148 -13.70 -6.43 15.55
C LEU A 148 -12.84 -5.19 15.73
N ARG A 149 -13.07 -4.44 16.81
CA ARG A 149 -12.25 -3.27 17.07
C ARG A 149 -10.82 -3.71 17.37
N GLN A 150 -10.69 -4.87 18.03
CA GLN A 150 -9.37 -5.42 18.34
C GLN A 150 -8.59 -5.60 17.06
N GLN A 151 -9.33 -5.86 15.99
CA GLN A 151 -8.76 -5.94 14.65
C GLN A 151 -8.54 -4.54 14.07
N ILE A 152 -9.50 -3.64 14.29
CA ILE A 152 -9.37 -2.27 13.79
C ILE A 152 -8.16 -1.57 14.39
N MET A 153 -7.97 -1.73 15.70
CA MET A 153 -6.78 -1.26 16.40
C MET A 153 -5.53 -1.88 15.77
N ARG A 154 -5.60 -3.19 15.56
CA ARG A 154 -4.51 -3.96 14.97
C ARG A 154 -4.16 -3.46 13.57
N LEU A 155 -5.19 -3.09 12.81
CA LEU A 155 -4.99 -2.65 11.44
C LEU A 155 -4.42 -1.25 11.38
N MET A 156 -4.91 -0.35 12.22
CA MET A 156 -4.33 0.99 12.30
C MET A 156 -2.92 0.90 12.86
N SER A 157 -2.74 0.07 13.87
CA SER A 157 -1.43 -0.13 14.49
C SER A 157 -0.43 -0.44 13.41
N ASN A 158 -0.81 -1.38 12.56
CA ASN A 158 0.00 -1.85 11.47
C ASN A 158 0.30 -0.77 10.43
N GLU A 159 -0.57 0.22 10.29
CA GLU A 159 -0.31 1.29 9.33
C GLU A 159 0.72 2.26 9.87
N ILE A 160 0.77 2.39 11.19
CA ILE A 160 1.76 3.20 11.86
C ILE A 160 3.15 2.56 11.75
N LYS A 161 3.20 1.28 12.12
CA LYS A 161 4.41 0.48 11.98
C LYS A 161 4.97 0.59 10.56
N GLY A 162 4.10 0.50 9.58
CA GLY A 162 4.49 0.61 8.20
C GLY A 162 5.12 1.94 7.86
N ASP A 163 4.47 3.03 8.30
CA ASP A 163 4.93 4.34 7.90
C ASP A 163 6.24 4.60 8.62
N GLN A 164 6.33 4.09 9.84
CA GLN A 164 7.57 4.22 10.61
C GLN A 164 8.70 3.56 9.83
N GLU A 165 8.44 2.35 9.31
CA GLU A 165 9.37 1.64 8.42
C GLU A 165 9.67 2.47 7.18
N MET A 166 8.63 3.09 6.64
CA MET A 166 8.79 3.88 5.43
C MET A 166 9.66 5.10 5.76
N ILE A 167 9.48 5.66 6.97
CA ILE A 167 10.34 6.75 7.46
C ILE A 167 11.82 6.32 7.54
N LEU A 168 12.07 5.16 8.17
CA LEU A 168 13.44 4.63 8.28
C LEU A 168 14.05 4.41 6.91
N LEU A 169 13.21 3.92 5.99
CA LEU A 169 13.61 3.59 4.62
C LEU A 169 14.15 4.81 3.92
N LEU A 170 13.32 5.84 3.92
CA LEU A 170 13.65 7.13 3.31
C LEU A 170 14.85 7.81 4.00
N SER A 171 15.08 7.49 5.27
CA SER A 171 16.20 8.08 6.01
C SER A 171 17.49 7.35 5.74
N LYS A 172 17.52 6.07 6.08
CA LYS A 172 18.77 5.31 6.13
C LYS A 172 19.12 4.45 4.89
N LYS A 173 18.14 4.14 4.05
CA LYS A 173 18.37 3.11 3.02
C LYS A 173 18.73 3.65 1.67
N ASN A 174 19.70 2.99 1.02
CA ASN A 174 20.06 3.32 -0.35
C ASN A 174 19.09 2.72 -1.37
N ALA A 175 19.26 3.13 -2.62
CA ALA A 175 18.34 2.80 -3.70
C ALA A 175 18.09 1.29 -3.79
N GLU A 176 19.18 0.53 -3.75
CA GLU A 176 19.09 -0.92 -3.76
C GLU A 176 18.27 -1.43 -2.58
N GLU A 177 18.50 -0.85 -1.40
CA GLU A 177 17.82 -1.29 -0.20
C GLU A 177 16.34 -0.97 -0.23
N ARG A 178 15.99 0.21 -0.76
CA ARG A 178 14.60 0.67 -0.81
C ARG A 178 13.74 -0.22 -1.71
N LEU A 179 14.27 -0.52 -2.88
CA LEU A 179 13.50 -1.33 -3.79
C LEU A 179 13.34 -2.73 -3.22
N ALA A 180 14.43 -3.27 -2.69
CA ALA A 180 14.40 -4.59 -2.04
C ALA A 180 13.37 -4.63 -0.92
N ALA A 181 13.44 -3.63 -0.03
CA ALA A 181 12.51 -3.52 1.09
C ALA A 181 11.08 -3.39 0.57
N PHE A 182 10.90 -2.64 -0.49
CA PHE A 182 9.59 -2.53 -1.11
C PHE A 182 9.08 -3.86 -1.69
N LEU A 183 9.90 -4.53 -2.49
CA LEU A 183 9.48 -5.83 -3.06
C LEU A 183 9.23 -6.88 -1.97
N TYR A 184 10.08 -6.92 -0.95
CA TYR A 184 9.87 -7.82 0.17
C TYR A 184 8.56 -7.60 0.88
N ASN A 185 8.26 -6.33 1.16
CA ASN A 185 7.00 -5.96 1.80
C ASN A 185 5.80 -6.43 0.99
N LEU A 186 5.79 -6.06 -0.29
CA LEU A 186 4.73 -6.43 -1.20
C LEU A 186 4.48 -7.92 -1.20
N SER A 187 5.57 -8.62 -1.51
CA SER A 187 5.68 -10.07 -1.43
C SER A 187 5.06 -10.68 -0.19
N THR A 188 5.44 -10.20 0.99
CA THR A 188 4.97 -10.87 2.18
C THR A 188 3.54 -10.47 2.53
N ARG A 189 3.05 -9.32 2.09
CA ARG A 189 1.65 -8.99 2.30
C ARG A 189 0.78 -9.88 1.43
N PHE A 190 1.32 -10.27 0.27
CA PHE A 190 0.67 -11.23 -0.62
C PHE A 190 0.62 -12.61 0.03
N HIS A 191 1.81 -13.16 0.29
CA HIS A 191 1.95 -14.40 1.03
C HIS A 191 1.04 -14.39 2.27
N GLN A 192 1.08 -13.30 3.04
CA GLN A 192 0.19 -13.09 4.19
C GLN A 192 -1.29 -13.25 3.82
N ARG A 193 -1.77 -12.42 2.88
CA ARG A 193 -3.17 -12.46 2.46
C ARG A 193 -3.53 -13.82 1.89
N GLY A 194 -2.54 -14.53 1.35
CA GLY A 194 -2.76 -15.81 0.70
C GLY A 194 -2.49 -15.71 -0.79
N PHE A 195 -1.21 -15.68 -1.16
CA PHE A 195 -0.77 -15.65 -2.55
C PHE A 195 0.59 -16.31 -2.64
N SER A 196 1.03 -16.63 -3.86
CA SER A 196 2.33 -17.25 -4.02
C SER A 196 3.39 -16.28 -3.56
N PRO A 197 4.04 -16.60 -2.42
CA PRO A 197 5.06 -15.71 -1.84
C PRO A 197 6.20 -15.44 -2.82
N ARG A 198 6.20 -16.19 -3.93
CA ARG A 198 7.25 -16.02 -4.92
C ARG A 198 6.81 -15.38 -6.21
N GLU A 199 5.55 -15.51 -6.63
CA GLU A 199 5.13 -14.71 -7.80
C GLU A 199 4.01 -13.69 -7.52
N PHE A 200 4.26 -12.43 -7.85
CA PHE A 200 3.21 -11.44 -7.72
C PHE A 200 3.31 -10.38 -8.81
N ARG A 201 2.23 -9.65 -9.02
CA ARG A 201 2.18 -8.60 -10.05
C ARG A 201 2.32 -7.22 -9.43
N LEU A 202 3.26 -6.40 -9.91
CA LEU A 202 3.26 -4.97 -9.54
C LEU A 202 2.07 -4.20 -10.13
N THR A 203 1.06 -3.93 -9.32
CA THR A 203 -0.12 -3.24 -9.80
C THR A 203 0.12 -1.76 -10.10
N MET A 204 0.99 -1.14 -9.32
CA MET A 204 1.33 0.24 -9.56
C MET A 204 2.36 0.32 -10.66
N THR A 205 2.47 1.49 -11.28
CA THR A 205 3.44 1.74 -12.34
C THR A 205 4.84 1.74 -11.76
N ARG A 206 5.84 1.76 -12.62
CA ARG A 206 7.19 1.95 -12.12
C ARG A 206 7.36 3.40 -11.69
N GLY A 207 6.64 4.29 -12.37
CA GLY A 207 6.64 5.68 -11.97
C GLY A 207 6.20 5.85 -10.52
N ASP A 208 5.06 5.28 -10.19
CA ASP A 208 4.51 5.38 -8.85
C ASP A 208 5.44 4.78 -7.83
N ILE A 209 6.21 3.77 -8.23
CA ILE A 209 7.10 3.15 -7.27
C ILE A 209 8.22 4.11 -6.98
N GLY A 210 8.68 4.79 -8.02
CA GLY A 210 9.80 5.71 -7.87
C GLY A 210 9.40 6.91 -7.03
N ASN A 211 8.17 7.37 -7.28
CA ASN A 211 7.62 8.46 -6.55
C ASN A 211 7.64 8.13 -5.07
N TYR A 212 7.14 6.94 -4.79
CA TYR A 212 6.95 6.51 -3.43
C TYR A 212 8.26 6.29 -2.74
N LEU A 213 9.28 5.83 -3.46
CA LEU A 213 10.54 5.47 -2.84
C LEU A 213 11.60 6.53 -3.04
N GLY A 214 11.21 7.61 -3.68
CA GLY A 214 12.15 8.66 -3.99
C GLY A 214 13.28 8.18 -4.88
N LEU A 215 12.94 7.52 -6.00
CA LEU A 215 13.90 7.01 -6.98
C LEU A 215 13.46 7.24 -8.41
N THR A 216 14.42 7.25 -9.33
CA THR A 216 14.09 7.42 -10.73
C THR A 216 13.44 6.20 -11.30
N VAL A 217 12.60 6.41 -12.30
CA VAL A 217 12.13 5.30 -13.12
C VAL A 217 13.33 4.57 -13.76
N GLU A 218 14.32 5.34 -14.21
CA GLU A 218 15.55 4.81 -14.77
C GLU A 218 16.22 3.91 -13.74
N THR A 219 16.46 4.51 -12.58
CA THR A 219 17.06 3.80 -11.47
C THR A 219 16.33 2.50 -11.17
N ILE A 220 15.01 2.59 -11.08
CA ILE A 220 14.21 1.43 -10.71
C ILE A 220 14.38 0.28 -11.70
N SER A 221 14.43 0.60 -12.99
CA SER A 221 14.55 -0.46 -13.98
C SER A 221 15.95 -1.04 -14.00
N ARG A 222 16.95 -0.22 -13.71
CA ARG A 222 18.31 -0.73 -13.66
C ARG A 222 18.39 -1.76 -12.52
N LEU A 223 17.80 -1.39 -11.39
CA LEU A 223 17.85 -2.21 -10.19
C LEU A 223 17.24 -3.59 -10.42
N LEU A 224 16.07 -3.60 -11.05
CA LEU A 224 15.42 -4.83 -11.43
C LEU A 224 16.31 -5.70 -12.31
N GLY A 225 17.13 -5.07 -13.16
CA GLY A 225 18.09 -5.77 -13.97
C GLY A 225 19.11 -6.46 -13.10
N ARG A 226 19.68 -5.71 -12.15
CA ARG A 226 20.62 -6.27 -11.18
C ARG A 226 20.03 -7.48 -10.44
N PHE A 227 18.81 -7.32 -9.98
CA PHE A 227 18.13 -8.36 -9.22
C PHE A 227 17.86 -9.57 -10.08
N GLN A 228 17.64 -9.31 -11.37
CA GLN A 228 17.44 -10.37 -12.34
C GLN A 228 18.79 -11.07 -12.62
N LYS A 229 19.82 -10.27 -12.85
CA LYS A 229 21.17 -10.77 -13.13
C LYS A 229 21.68 -11.71 -12.04
N THR A 230 21.31 -11.43 -10.80
CA THR A 230 21.77 -12.23 -9.67
C THR A 230 20.89 -13.44 -9.41
N GLU A 231 19.89 -13.61 -10.25
CA GLU A 231 18.87 -14.68 -10.14
C GLU A 231 18.04 -14.54 -8.86
N MET A 232 18.26 -13.48 -8.10
CA MET A 232 17.49 -13.27 -6.91
C MET A 232 16.03 -13.14 -7.27
N LEU A 233 15.82 -12.54 -8.44
CA LEU A 233 14.49 -12.13 -8.88
C LEU A 233 14.31 -12.45 -10.35
N THR A 234 13.08 -12.78 -10.72
CA THR A 234 12.71 -12.90 -12.13
C THR A 234 11.68 -11.80 -12.44
N VAL A 235 11.93 -11.01 -13.48
CA VAL A 235 10.99 -9.96 -13.88
C VAL A 235 10.48 -10.14 -15.29
N LYS A 236 9.18 -10.30 -15.41
CA LYS A 236 8.53 -10.33 -16.72
C LYS A 236 7.44 -9.28 -16.80
N GLY A 237 7.77 -8.12 -17.37
CA GLY A 237 6.85 -7.00 -17.40
C GLY A 237 6.51 -6.55 -16.00
N LYS A 238 5.25 -6.74 -15.62
CA LYS A 238 4.81 -6.34 -14.30
C LYS A 238 4.85 -7.47 -13.29
N TYR A 239 5.28 -8.64 -13.73
CA TYR A 239 5.27 -9.82 -12.87
C TYR A 239 6.64 -10.03 -12.26
N ILE A 240 6.65 -10.26 -10.95
CA ILE A 240 7.89 -10.46 -10.23
C ILE A 240 7.89 -11.84 -9.66
N THR A 241 8.99 -12.54 -9.85
CA THR A 241 9.12 -13.85 -9.26
C THR A 241 10.29 -13.80 -8.33
N ILE A 242 10.06 -14.15 -7.06
CA ILE A 242 11.18 -14.21 -6.13
C ILE A 242 11.81 -15.59 -6.10
N ASN A 243 13.08 -15.66 -6.46
CA ASN A 243 13.80 -16.91 -6.41
C ASN A 243 14.65 -17.14 -5.16
N ASP A 244 14.91 -16.07 -4.41
CA ASP A 244 15.77 -16.10 -3.24
C ASP A 244 15.31 -15.05 -2.22
N HIS A 245 14.28 -15.42 -1.45
CA HIS A 245 13.66 -14.56 -0.48
C HIS A 245 14.69 -14.09 0.52
N ASP A 246 15.50 -15.06 0.96
CA ASP A 246 16.64 -14.81 1.83
C ASP A 246 17.45 -13.62 1.36
N ALA A 247 17.97 -13.69 0.15
CA ALA A 247 18.88 -12.66 -0.35
C ALA A 247 18.20 -11.30 -0.39
N LEU A 248 16.94 -11.30 -0.80
CA LEU A 248 16.11 -10.12 -0.90
C LEU A 248 15.85 -9.53 0.49
N ALA A 249 15.36 -10.37 1.40
CA ALA A 249 15.23 -10.00 2.81
C ALA A 249 16.51 -9.40 3.36
N GLU A 250 17.65 -9.96 2.99
CA GLU A 250 18.94 -9.42 3.44
C GLU A 250 19.09 -7.98 3.00
N LEU A 251 19.02 -7.82 1.69
CA LEU A 251 19.05 -6.54 1.03
C LEU A 251 18.01 -5.58 1.63
N ALA A 252 16.80 -6.09 1.85
CA ALA A 252 15.68 -5.31 2.37
C ALA A 252 15.99 -4.73 3.74
N GLY A 253 16.26 -5.61 4.70
CA GLY A 253 16.47 -5.21 6.07
C GLY A 253 17.94 -4.96 6.30
N SER A 254 18.58 -4.19 5.42
CA SER A 254 19.96 -3.79 5.71
C SER A 254 20.04 -2.41 6.39
N ALA A 255 19.88 -1.34 5.62
CA ALA A 255 20.15 0.03 6.07
C ALA A 255 21.63 0.18 6.39
N LYS A 256 22.48 -0.06 5.40
CA LYS A 256 23.93 0.14 5.53
C LYS A 256 24.43 1.25 4.59
N GLU A 257 25.49 1.93 5.03
CA GLU A 257 26.04 3.13 4.39
C GLU A 257 26.45 2.87 2.94
#